data_6RI6
#
_entry.id   6RI6
#
_cell.length_a   56.150
_cell.length_b   84.180
_cell.length_c   112.200
_cell.angle_alpha   90.00
_cell.angle_beta   90.00
_cell.angle_gamma   90.00
#
_symmetry.space_group_name_H-M   'P 21 21 21'
#
loop_
_entity.id
_entity.type
_entity.pdbx_description
1 polymer 'Laccase 2'
2 branched 2-acetamido-2-deoxy-beta-D-glucopyranose-(1-4)-2-acetamido-2-deoxy-beta-D-glucopyranose
3 branched beta-D-mannopyranose-(1-4)-2-acetamido-2-deoxy-beta-D-glucopyranose-(1-4)-2-acetamido-2-deoxy-beta-D-glucopyranose
4 non-polymer 'COPPER (II) ION'
5 non-polymer 'FLUORIDE ION'
6 non-polymer 'OXYGEN MOLECULE'
7 water water
#
_entity_poly.entity_id   1
_entity_poly.type   'polypeptide(L)'
_entity_poly.pdbx_seq_one_letter_code
;AQIGPVTDLHITNANISPDGFSRPAVLAGGTFPGPTIAGNTGDNFQITVFNDLTDPSMLTDTSIHWHGLFQKGTNWADGP
AFVTQCPIITGQSFDYNFNVPGQAGTFWYHSHLSTQYCDGLRGPFVVYDPNDPNASLYDVDDDTTIITLADWYHTLAQQE
PIGAAITADATLINGLGRSFTNTTASPLSVITVQSGKRYRMRLVSISCDPNYLFSIDGHDMTIIEVDGVNSQQLTVDQIQ
IFAAQRYSFVLNANQPVGNYWIRAQPNSGGQGFDGGINSAILRYEGATVEDPTTTAPTTFSNPLVETDLHPLADLGVPGQ
PFRGGADDPLVLNLAFANGRFSIDGVSFVPPTVPVLLQILSGAQNAQDLLPAGSVISLPSNSVIEVALPAGAAGGPHPFH
LHGHNFAVVQSANNATPNYVNPIWRDTVSIGGTGDNVTIRFTTNNPGPWFLHCHIDWHLEAGFAIVFAEDIPDTASANPV
PQAWSDLCPAYDQAHNIS
;
_entity_poly.pdbx_strand_id   A
#
loop_
_chem_comp.id
_chem_comp.type
_chem_comp.name
_chem_comp.formula
BMA D-saccharide, beta linking beta-D-mannopyranose 'C6 H12 O6'
CU non-polymer 'COPPER (II) ION' 'Cu 2'
F non-polymer 'FLUORIDE ION' 'F -1'
NAG D-saccharide, beta linking 2-acetamido-2-deoxy-beta-D-glucopyranose 'C8 H15 N O6'
OXY non-polymer 'OXYGEN MOLECULE' O2
#
# COMPACT_ATOMS: atom_id res chain seq x y z
N ALA A 1 18.82 -8.76 8.11
CA ALA A 1 17.63 -9.42 8.71
C ALA A 1 16.40 -9.37 7.78
N GLN A 2 16.61 -9.30 6.46
CA GLN A 2 15.56 -9.49 5.51
C GLN A 2 15.33 -11.00 5.33
N ILE A 3 14.13 -11.38 4.98
CA ILE A 3 13.79 -12.78 4.75
C ILE A 3 13.30 -12.93 3.31
N GLY A 4 13.37 -14.14 2.81
CA GLY A 4 12.94 -14.43 1.47
C GLY A 4 14.10 -14.52 0.50
N PRO A 5 13.80 -14.89 -0.77
CA PRO A 5 12.44 -14.96 -1.32
C PRO A 5 11.69 -16.23 -0.94
N VAL A 6 12.38 -17.26 -0.43
CA VAL A 6 11.70 -18.46 0.08
C VAL A 6 11.79 -18.38 1.61
N THR A 7 10.63 -18.34 2.28
CA THR A 7 10.61 -18.19 3.73
C THR A 7 9.29 -18.65 4.29
N ASP A 8 9.33 -19.08 5.55
CA ASP A 8 8.13 -19.17 6.34
C ASP A 8 7.80 -17.77 6.89
N LEU A 9 6.54 -17.57 7.24
CA LEU A 9 6.09 -16.32 7.86
C LEU A 9 4.96 -16.69 8.81
N HIS A 10 5.22 -16.58 10.11
CA HIS A 10 4.20 -16.91 11.10
C HIS A 10 3.43 -15.66 11.48
N ILE A 11 2.11 -15.83 11.56
CA ILE A 11 1.17 -14.78 11.93
C ILE A 11 0.65 -15.10 13.31
N THR A 12 0.96 -14.24 14.28
CA THR A 12 0.67 -14.49 15.68
C THR A 12 -0.01 -13.30 16.32
N ASN A 13 -0.57 -13.56 17.50
CA ASN A 13 -1.00 -12.51 18.39
C ASN A 13 0.06 -12.29 19.47
N ALA A 14 0.26 -11.02 19.82
CA ALA A 14 1.19 -10.66 20.88
C ALA A 14 0.83 -9.26 21.33
N ASN A 15 1.26 -8.90 22.54
CA ASN A 15 1.21 -7.53 23.00
C ASN A 15 2.37 -6.70 22.46
N ILE A 16 2.09 -5.47 22.07
CA ILE A 16 3.15 -4.52 21.72
C ILE A 16 2.79 -3.15 22.33
N SER A 17 3.81 -2.31 22.42
CA SER A 17 3.67 -0.99 23.00
C SER A 17 4.51 0.02 22.22
N PRO A 18 4.20 0.23 20.95
CA PRO A 18 5.09 1.03 20.06
C PRO A 18 5.11 2.52 20.38
N ASP A 19 4.14 2.99 21.18
CA ASP A 19 4.00 4.34 21.64
C ASP A 19 3.89 4.40 23.16
N GLY A 20 4.29 3.32 23.83
CA GLY A 20 4.20 3.22 25.28
C GLY A 20 2.87 2.70 25.80
N PHE A 21 1.87 2.48 24.95
CA PHE A 21 0.56 1.97 25.35
C PHE A 21 0.49 0.50 24.92
N SER A 22 0.25 -0.41 25.84
CA SER A 22 0.20 -1.82 25.49
C SER A 22 -1.17 -2.23 24.94
N ARG A 23 -1.14 -2.93 23.81
CA ARG A 23 -2.34 -3.57 23.28
C ARG A 23 -1.95 -4.83 22.55
N PRO A 24 -2.90 -5.76 22.42
CA PRO A 24 -2.68 -6.92 21.57
C PRO A 24 -2.68 -6.55 20.09
N ALA A 25 -2.04 -7.38 19.29
CA ALA A 25 -1.84 -7.10 17.86
C ALA A 25 -1.87 -8.42 17.09
N VAL A 26 -1.92 -8.26 15.77
CA VAL A 26 -1.74 -9.31 14.77
C VAL A 26 -0.42 -9.02 14.08
N LEU A 27 0.56 -9.90 14.24
CA LEU A 27 1.91 -9.65 13.77
C LEU A 27 2.39 -10.72 12.83
N ALA A 28 3.14 -10.27 11.80
CA ALA A 28 3.95 -11.15 10.98
C ALA A 28 5.36 -11.14 11.52
N GLY A 29 5.96 -12.33 11.68
CA GLY A 29 7.34 -12.40 12.13
C GLY A 29 7.59 -11.82 13.50
N GLY A 30 6.56 -11.71 14.32
CA GLY A 30 6.72 -11.27 15.70
C GLY A 30 6.97 -9.82 15.92
N THR A 31 6.90 -8.98 14.92
CA THR A 31 7.25 -7.58 15.06
C THR A 31 6.25 -6.68 14.37
N PHE A 32 6.23 -5.43 14.81
CA PHE A 32 5.55 -4.37 14.08
C PHE A 32 6.53 -3.30 13.66
N PRO A 33 6.58 -2.93 12.38
CA PRO A 33 6.02 -3.69 11.25
C PRO A 33 6.69 -5.05 11.16
N GLY A 34 6.14 -5.89 10.30
CA GLY A 34 6.71 -7.18 10.05
C GLY A 34 8.07 -7.07 9.40
N PRO A 35 8.80 -8.18 9.34
CA PRO A 35 10.12 -8.20 8.71
C PRO A 35 9.99 -7.86 7.22
N THR A 36 11.08 -7.34 6.68
CA THR A 36 11.14 -7.10 5.25
C THR A 36 11.27 -8.43 4.51
N ILE A 37 10.37 -8.65 3.55
CA ILE A 37 10.51 -9.74 2.60
C ILE A 37 11.21 -9.18 1.40
N ALA A 38 12.24 -9.85 0.90
CA ALA A 38 13.04 -9.31 -0.18
C ALA A 38 13.55 -10.40 -1.10
N GLY A 39 13.81 -9.94 -2.33
CA GLY A 39 14.49 -10.75 -3.34
C GLY A 39 14.89 -9.83 -4.47
N ASN A 40 15.30 -10.45 -5.57
CA ASN A 40 15.69 -9.73 -6.77
C ASN A 40 14.62 -9.85 -7.85
N THR A 41 14.64 -8.92 -8.80
CA THR A 41 13.69 -8.95 -9.89
C THR A 41 13.69 -10.31 -10.56
N GLY A 42 12.51 -10.80 -10.89
CA GLY A 42 12.34 -12.09 -11.50
C GLY A 42 12.37 -13.29 -10.57
N ASP A 43 12.66 -13.09 -9.29
CA ASP A 43 12.74 -14.23 -8.40
C ASP A 43 11.38 -14.90 -8.20
N ASN A 44 11.50 -16.18 -7.81
CA ASN A 44 10.38 -16.96 -7.28
C ASN A 44 10.30 -16.76 -5.77
N PHE A 45 9.23 -16.10 -5.33
CA PHE A 45 8.89 -16.02 -3.92
C PHE A 45 8.04 -17.20 -3.54
N GLN A 46 8.39 -17.84 -2.43
CA GLN A 46 7.59 -18.91 -1.85
CA GLN A 46 7.52 -18.85 -1.81
C GLN A 46 7.42 -18.53 -0.37
N ILE A 47 6.32 -17.87 -0.03
CA ILE A 47 6.09 -17.36 1.33
C ILE A 47 5.07 -18.28 1.96
N THR A 48 5.53 -19.16 2.84
CA THR A 48 4.60 -20.10 3.50
C THR A 48 4.10 -19.41 4.74
N VAL A 49 2.85 -18.99 4.68
CA VAL A 49 2.21 -18.25 5.73
C VAL A 49 1.53 -19.21 6.70
N PHE A 50 1.99 -19.17 7.95
CA PHE A 50 1.45 -20.01 9.04
C PHE A 50 0.51 -19.14 9.85
N ASN A 51 -0.79 -19.48 9.80
CA ASN A 51 -1.75 -18.76 10.62
C ASN A 51 -1.80 -19.37 12.01
N ASP A 52 -1.19 -18.70 12.98
CA ASP A 52 -1.16 -19.13 14.37
C ASP A 52 -2.02 -18.26 15.26
N LEU A 53 -2.99 -17.56 14.71
CA LEU A 53 -3.82 -16.61 15.45
C LEU A 53 -4.84 -17.32 16.34
N THR A 54 -4.99 -16.84 17.56
CA THR A 54 -5.96 -17.44 18.48
C THR A 54 -6.93 -16.44 19.09
N ASP A 55 -6.70 -15.12 18.93
CA ASP A 55 -7.52 -14.11 19.58
C ASP A 55 -8.61 -13.64 18.64
N PRO A 56 -9.86 -14.01 18.85
CA PRO A 56 -10.91 -13.64 17.91
C PRO A 56 -11.22 -12.17 17.84
N SER A 57 -10.74 -11.38 18.81
CA SER A 57 -11.02 -9.96 18.77
C SER A 57 -10.35 -9.26 17.61
N MET A 58 -9.39 -9.91 16.96
CA MET A 58 -8.72 -9.36 15.76
C MET A 58 -8.82 -10.29 14.53
N LEU A 59 -9.71 -11.28 14.67
CA LEU A 59 -10.02 -12.32 13.69
C LEU A 59 -8.91 -13.37 13.71
N THR A 60 -9.33 -14.66 13.78
CA THR A 60 -8.34 -15.73 13.76
C THR A 60 -8.06 -16.28 12.36
N ASP A 61 -8.82 -15.84 11.37
CA ASP A 61 -8.50 -16.13 9.97
C ASP A 61 -7.54 -15.07 9.45
N THR A 62 -6.86 -15.33 8.31
CA THR A 62 -6.03 -14.30 7.71
C THR A 62 -5.85 -14.58 6.23
N SER A 63 -5.40 -13.56 5.51
CA SER A 63 -5.02 -13.69 4.11
C SER A 63 -4.07 -12.54 3.83
N ILE A 64 -3.01 -12.76 3.04
CA ILE A 64 -1.99 -11.72 2.85
C ILE A 64 -1.88 -11.38 1.37
N HIS A 65 -1.86 -10.05 1.13
CA HIS A 65 -1.65 -9.51 -0.20
C HIS A 65 -0.28 -8.88 -0.30
N TRP A 66 0.30 -9.03 -1.50
CA TRP A 66 1.65 -8.58 -1.83
C TRP A 66 1.45 -7.35 -2.71
N HIS A 67 1.38 -6.20 -2.07
CA HIS A 67 0.86 -4.99 -2.70
C HIS A 67 1.75 -4.49 -3.82
N GLY A 68 1.14 -4.40 -5.00
CA GLY A 68 1.82 -3.88 -6.17
C GLY A 68 2.49 -4.92 -7.03
N LEU A 69 2.54 -6.17 -6.60
CA LEU A 69 3.08 -7.25 -7.41
C LEU A 69 1.98 -7.80 -8.30
N PHE A 70 2.28 -7.94 -9.61
CA PHE A 70 1.21 -8.13 -10.57
C PHE A 70 0.57 -9.51 -10.57
N GLN A 71 1.28 -10.53 -10.08
CA GLN A 71 0.67 -11.86 -9.95
C GLN A 71 0.21 -12.42 -11.28
N LYS A 72 0.92 -12.13 -12.38
CA LYS A 72 0.45 -12.61 -13.68
C LYS A 72 0.56 -14.12 -13.73
N GLY A 73 -0.56 -14.80 -14.00
CA GLY A 73 -0.63 -16.24 -13.98
C GLY A 73 -0.75 -16.85 -12.61
N THR A 74 -0.73 -16.03 -11.56
CA THR A 74 -0.85 -16.49 -10.19
C THR A 74 -1.88 -15.65 -9.44
N ASN A 75 -3.03 -15.38 -10.09
CA ASN A 75 -4.04 -14.57 -9.43
C ASN A 75 -4.47 -15.14 -8.09
N TRP A 76 -4.46 -16.49 -7.99
CA TRP A 76 -4.81 -17.19 -6.76
C TRP A 76 -3.93 -16.84 -5.56
N ALA A 77 -2.76 -16.26 -5.81
CA ALA A 77 -1.80 -15.91 -4.76
C ALA A 77 -1.89 -14.44 -4.36
N ASP A 78 -2.84 -13.69 -4.94
CA ASP A 78 -2.86 -12.24 -4.74
C ASP A 78 -3.26 -11.84 -3.30
N GLY A 79 -4.12 -12.63 -2.65
CA GLY A 79 -4.46 -12.38 -1.27
C GLY A 79 -5.78 -11.70 -0.88
N PRO A 80 -6.48 -10.91 -1.70
CA PRO A 80 -7.69 -10.26 -1.15
C PRO A 80 -8.77 -11.28 -0.86
N ALA A 81 -9.22 -11.28 0.40
CA ALA A 81 -10.19 -12.29 0.85
C ALA A 81 -11.48 -12.14 0.07
N PHE A 82 -11.96 -13.28 -0.41
CA PHE A 82 -13.22 -13.40 -1.14
C PHE A 82 -13.16 -12.77 -2.53
N VAL A 83 -11.97 -12.34 -2.96
CA VAL A 83 -11.72 -11.96 -4.33
C VAL A 83 -10.91 -13.06 -5.01
N THR A 84 -9.75 -13.39 -4.42
CA THR A 84 -8.89 -14.42 -5.00
C THR A 84 -8.74 -15.67 -4.14
N GLN A 85 -9.20 -15.65 -2.88
CA GLN A 85 -9.09 -16.84 -2.05
C GLN A 85 -10.09 -16.74 -0.90
N CYS A 86 -10.39 -17.89 -0.29
CA CYS A 86 -10.91 -17.87 1.06
C CYS A 86 -9.75 -17.69 2.04
N PRO A 87 -10.01 -17.10 3.23
CA PRO A 87 -8.96 -16.97 4.23
C PRO A 87 -8.36 -18.31 4.65
N ILE A 88 -7.13 -18.23 5.11
CA ILE A 88 -6.43 -19.31 5.81
C ILE A 88 -6.98 -19.37 7.24
N ILE A 89 -7.35 -20.57 7.70
CA ILE A 89 -7.85 -20.69 9.05
C ILE A 89 -6.73 -20.97 10.03
N THR A 90 -7.02 -20.74 11.32
CA THR A 90 -5.98 -20.91 12.31
C THR A 90 -5.53 -22.35 12.38
N GLY A 91 -4.25 -22.52 12.63
CA GLY A 91 -3.63 -23.82 12.69
C GLY A 91 -3.26 -24.40 11.35
N GLN A 92 -3.47 -23.65 10.29
CA GLN A 92 -3.13 -24.08 8.94
C GLN A 92 -2.13 -23.09 8.33
N SER A 93 -1.53 -23.52 7.24
CA SER A 93 -0.58 -22.71 6.50
C SER A 93 -0.88 -22.74 5.02
N PHE A 94 -0.28 -21.82 4.27
CA PHE A 94 -0.55 -21.71 2.83
C PHE A 94 0.66 -21.09 2.16
N ASP A 95 1.14 -21.74 1.10
CA ASP A 95 2.31 -21.27 0.35
C ASP A 95 1.90 -20.35 -0.79
N TYR A 96 2.18 -19.07 -0.61
CA TYR A 96 2.05 -18.07 -1.68
C TYR A 96 3.31 -18.18 -2.53
N ASN A 97 3.14 -18.83 -3.70
CA ASN A 97 4.24 -19.22 -4.59
C ASN A 97 4.06 -18.48 -5.91
N PHE A 98 4.88 -17.44 -6.14
CA PHE A 98 4.69 -16.58 -7.27
C PHE A 98 6.02 -16.05 -7.73
N ASN A 99 6.03 -15.40 -8.89
CA ASN A 99 7.25 -14.82 -9.45
C ASN A 99 7.04 -13.33 -9.66
N VAL A 100 8.14 -12.59 -9.75
CA VAL A 100 8.09 -11.13 -9.94
C VAL A 100 8.86 -10.73 -11.20
N PRO A 101 8.49 -11.28 -12.37
CA PRO A 101 9.13 -10.83 -13.61
C PRO A 101 8.84 -9.37 -13.87
N GLY A 102 9.84 -8.65 -14.39
CA GLY A 102 9.62 -7.33 -14.89
C GLY A 102 9.31 -6.25 -13.87
N GLN A 103 9.45 -6.57 -12.58
CA GLN A 103 9.21 -5.60 -11.53
C GLN A 103 10.43 -5.50 -10.63
N ALA A 104 10.72 -4.29 -10.18
CA ALA A 104 11.80 -4.05 -9.23
C ALA A 104 11.49 -2.72 -8.58
N GLY A 105 11.50 -2.68 -7.25
CA GLY A 105 11.15 -1.49 -6.54
C GLY A 105 10.70 -1.81 -5.14
N THR A 106 9.96 -0.87 -4.58
CA THR A 106 9.56 -0.88 -3.19
C THR A 106 8.07 -1.19 -3.11
N PHE A 107 7.74 -2.26 -2.41
CA PHE A 107 6.39 -2.77 -2.26
C PHE A 107 6.13 -2.99 -0.76
N TRP A 108 5.02 -3.64 -0.42
CA TRP A 108 4.73 -4.00 0.96
C TRP A 108 3.74 -5.16 0.96
N TYR A 109 3.57 -5.76 2.12
CA TYR A 109 2.59 -6.83 2.27
C TYR A 109 1.71 -6.50 3.46
N HIS A 110 0.47 -6.99 3.41
CA HIS A 110 -0.47 -6.68 4.45
C HIS A 110 -1.60 -7.67 4.46
N SER A 111 -2.23 -7.85 5.64
CA SER A 111 -3.49 -8.60 5.64
C SER A 111 -4.46 -7.95 4.67
N HIS A 112 -5.27 -8.81 4.06
CA HIS A 112 -6.31 -8.35 3.16
C HIS A 112 -7.63 -9.04 3.51
N LEU A 113 -7.85 -9.17 4.82
CA LEU A 113 -9.11 -9.65 5.40
C LEU A 113 -9.62 -8.53 6.31
N SER A 114 -10.83 -8.04 6.04
CA SER A 114 -11.44 -7.03 6.90
C SER A 114 -10.44 -5.88 7.10
N THR A 115 -10.41 -5.34 8.31
CA THR A 115 -9.48 -4.28 8.72
C THR A 115 -8.32 -4.81 9.52
N GLN A 116 -8.00 -6.11 9.33
CA GLN A 116 -6.97 -6.75 10.12
C GLN A 116 -5.58 -6.14 9.93
N TYR A 117 -5.26 -5.59 8.76
CA TYR A 117 -3.90 -5.06 8.66
C TYR A 117 -3.72 -3.90 9.63
N CYS A 118 -4.78 -3.18 9.98
CA CYS A 118 -4.65 -2.11 10.93
C CYS A 118 -4.15 -2.63 12.29
N ASP A 119 -4.56 -3.85 12.65
CA ASP A 119 -4.17 -4.49 13.89
C ASP A 119 -2.72 -4.98 13.91
N GLY A 120 -1.99 -4.86 12.79
CA GLY A 120 -0.55 -4.99 12.82
C GLY A 120 0.10 -5.76 11.71
N LEU A 121 -0.67 -6.42 10.85
CA LEU A 121 -0.09 -7.32 9.86
C LEU A 121 0.25 -6.50 8.61
N ARG A 122 1.44 -5.90 8.64
CA ARG A 122 1.91 -5.00 7.58
C ARG A 122 3.41 -5.00 7.64
N GLY A 123 4.09 -5.05 6.48
CA GLY A 123 5.54 -4.96 6.47
C GLY A 123 6.04 -4.65 5.09
N PRO A 124 7.33 -4.30 4.95
CA PRO A 124 7.90 -3.96 3.65
C PRO A 124 8.20 -5.18 2.81
N PHE A 125 8.23 -4.96 1.48
CA PHE A 125 8.51 -6.02 0.52
C PHE A 125 9.35 -5.37 -0.57
N VAL A 126 10.63 -5.73 -0.68
CA VAL A 126 11.55 -5.03 -1.60
C VAL A 126 12.06 -6.01 -2.63
N VAL A 127 11.94 -5.58 -3.92
CA VAL A 127 12.45 -6.34 -5.03
C VAL A 127 13.62 -5.53 -5.62
N TYR A 128 14.84 -5.95 -5.29
CA TYR A 128 16.04 -5.26 -5.74
C TYR A 128 16.33 -5.53 -7.21
N ASP A 129 17.06 -4.61 -7.84
CA ASP A 129 17.47 -4.76 -9.25
C ASP A 129 19.00 -4.80 -9.29
N PRO A 130 19.58 -5.95 -9.63
CA PRO A 130 21.03 -6.05 -9.73
C PRO A 130 21.62 -5.09 -10.75
N ASN A 131 20.83 -4.65 -11.72
CA ASN A 131 21.23 -3.75 -12.79
C ASN A 131 20.42 -2.45 -12.73
N ASP A 132 20.10 -2.02 -11.49
CA ASP A 132 19.23 -0.85 -11.28
C ASP A 132 19.78 0.33 -12.07
N PRO A 133 18.99 0.97 -12.92
CA PRO A 133 19.51 2.14 -13.64
C PRO A 133 19.82 3.31 -12.74
N ASN A 134 19.28 3.32 -11.51
CA ASN A 134 19.56 4.33 -10.55
C ASN A 134 20.72 4.01 -9.60
N ALA A 135 21.41 2.89 -9.80
CA ALA A 135 22.39 2.43 -8.79
C ALA A 135 23.47 3.44 -8.48
N SER A 136 23.91 4.20 -9.49
CA SER A 136 25.02 5.12 -9.30
C SER A 136 24.63 6.39 -8.56
N LEU A 137 23.34 6.55 -8.22
CA LEU A 137 22.90 7.74 -7.52
C LEU A 137 23.09 7.65 -5.98
N TYR A 138 23.45 6.48 -5.46
CA TYR A 138 23.58 6.32 -4.02
C TYR A 138 24.58 5.24 -3.71
N ASP A 139 24.96 5.23 -2.43
CA ASP A 139 25.94 4.34 -1.89
C ASP A 139 25.32 3.19 -1.09
N VAL A 140 24.25 3.44 -0.36
CA VAL A 140 23.70 2.51 0.62
C VAL A 140 22.22 2.28 0.28
N ASP A 141 21.82 1.01 0.25
CA ASP A 141 20.40 0.63 -0.01
C ASP A 141 20.21 -0.73 0.62
N ASP A 142 19.63 -0.77 1.83
CA ASP A 142 19.51 -2.04 2.55
C ASP A 142 18.42 -1.89 3.58
N ASP A 143 18.31 -2.83 4.51
CA ASP A 143 17.20 -2.77 5.45
C ASP A 143 17.22 -1.52 6.29
N THR A 144 18.40 -0.91 6.48
CA THR A 144 18.56 0.30 7.29
C THR A 144 18.10 1.55 6.57
N THR A 145 17.75 1.46 5.29
CA THR A 145 17.30 2.62 4.54
C THR A 145 15.81 2.55 4.21
N ILE A 146 15.09 1.58 4.75
CA ILE A 146 13.63 1.51 4.61
C ILE A 146 13.01 2.36 5.73
N ILE A 147 12.07 3.22 5.37
CA ILE A 147 11.36 4.07 6.31
C ILE A 147 9.87 3.78 6.16
N THR A 148 9.25 3.17 7.17
CA THR A 148 7.82 2.94 7.15
C THR A 148 7.10 4.02 7.94
N LEU A 149 5.95 4.42 7.42
CA LEU A 149 5.03 5.36 8.09
C LEU A 149 3.74 4.64 8.37
N ALA A 150 3.34 4.61 9.65
CA ALA A 150 2.16 3.87 10.07
C ALA A 150 1.32 4.67 11.02
N ASP A 151 0.01 4.52 10.88
CA ASP A 151 -0.97 4.92 11.86
C ASP A 151 -1.18 3.77 12.85
N TRP A 152 -1.39 4.15 14.11
CA TRP A 152 -1.53 3.15 15.16
C TRP A 152 -2.67 3.56 16.07
N TYR A 153 -3.51 2.57 16.39
CA TYR A 153 -4.75 2.81 17.12
C TYR A 153 -4.70 2.08 18.45
N HIS A 154 -5.23 2.71 19.51
CA HIS A 154 -5.35 2.01 20.78
C HIS A 154 -6.56 1.10 20.80
N THR A 155 -7.63 1.47 20.16
CA THR A 155 -8.81 0.66 19.98
C THR A 155 -8.56 -0.36 18.88
N LEU A 156 -8.94 -1.61 19.14
CA LEU A 156 -8.81 -2.68 18.14
C LEU A 156 -9.72 -2.42 16.95
N ALA A 157 -9.26 -2.82 15.75
CA ALA A 157 -10.00 -2.53 14.52
C ALA A 157 -11.41 -3.04 14.53
N GLN A 158 -11.64 -4.27 15.01
CA GLN A 158 -12.97 -4.83 15.05
C GLN A 158 -13.86 -4.17 16.08
N GLN A 159 -13.26 -3.41 17.00
CA GLN A 159 -13.93 -2.82 18.15
C GLN A 159 -14.13 -1.33 17.98
N GLU A 160 -13.85 -0.79 16.79
CA GLU A 160 -14.10 0.60 16.53
C GLU A 160 -15.60 0.76 16.51
N PRO A 161 -16.16 1.60 17.41
CA PRO A 161 -17.62 1.64 17.51
C PRO A 161 -18.28 2.17 16.26
N ILE A 162 -19.43 1.58 15.95
CA ILE A 162 -20.33 2.03 14.87
C ILE A 162 -20.79 3.46 15.17
N GLY A 163 -20.61 4.36 14.19
CA GLY A 163 -21.11 5.74 14.32
C GLY A 163 -20.23 6.77 15.04
N ALA A 164 -19.03 6.37 15.46
CA ALA A 164 -18.03 7.29 16.02
C ALA A 164 -16.89 7.48 14.99
N ALA A 165 -16.29 8.66 14.96
CA ALA A 165 -15.19 8.97 14.07
C ALA A 165 -13.98 8.15 14.45
N ILE A 166 -13.30 7.61 13.47
CA ILE A 166 -12.10 6.79 13.69
C ILE A 166 -10.90 7.69 13.40
N THR A 167 -10.06 7.94 14.41
N THR A 167 -10.00 7.74 14.38
CA THR A 167 -8.71 8.46 14.18
CA THR A 167 -8.82 8.59 14.37
C THR A 167 -7.70 7.71 15.01
N ALA A 168 -6.47 7.81 14.51
CA ALA A 168 -5.37 7.09 15.13
C ALA A 168 -4.94 7.79 16.43
N ASP A 169 -4.16 7.05 17.21
CA ASP A 169 -3.58 7.52 18.45
C ASP A 169 -2.11 7.79 18.41
N ALA A 170 -1.38 7.35 17.36
CA ALA A 170 0.05 7.64 17.22
C ALA A 170 0.41 7.47 15.77
N THR A 171 1.41 8.24 15.36
CA THR A 171 2.20 8.00 14.14
C THR A 171 3.45 7.23 14.51
N LEU A 172 3.68 6.13 13.82
CA LEU A 172 4.87 5.31 14.04
C LEU A 172 5.75 5.38 12.81
N ILE A 173 7.03 5.71 13.03
CA ILE A 173 8.02 5.76 11.96
C ILE A 173 8.98 4.63 12.28
N ASN A 174 9.14 3.68 11.38
CA ASN A 174 9.93 2.48 11.67
C ASN A 174 9.47 1.85 12.98
N GLY A 175 8.14 1.83 13.20
CA GLY A 175 7.56 1.11 14.31
C GLY A 175 7.49 1.82 15.65
N LEU A 176 8.02 3.05 15.75
CA LEU A 176 8.07 3.75 17.02
C LEU A 176 7.56 5.16 16.83
N GLY A 177 6.92 5.68 17.88
CA GLY A 177 6.48 7.04 17.88
C GLY A 177 5.66 7.28 19.13
N ARG A 178 5.16 8.51 19.31
CA ARG A 178 4.55 8.88 20.57
C ARG A 178 3.05 9.15 20.38
N SER A 179 2.31 8.89 21.44
CA SER A 179 0.86 9.02 21.36
C SER A 179 0.40 10.47 21.37
N PHE A 180 -0.69 10.74 20.65
CA PHE A 180 -1.19 12.12 20.52
C PHE A 180 -1.78 12.67 21.81
N THR A 181 -2.41 11.80 22.58
CA THR A 181 -2.95 12.15 23.89
C THR A 181 -2.24 11.31 24.91
N ASN A 182 -2.18 11.81 26.14
CA ASN A 182 -1.41 11.14 27.18
C ASN A 182 0.00 10.79 26.72
N THR A 183 0.63 11.75 26.07
CA THR A 183 1.91 11.51 25.44
C THR A 183 2.95 11.13 26.48
N THR A 184 3.67 10.05 26.23
CA THR A 184 4.83 9.73 27.05
C THR A 184 6.09 9.69 26.21
N ALA A 185 7.20 9.88 26.87
CA ALA A 185 8.48 9.99 26.19
C ALA A 185 9.06 8.65 25.85
N SER A 186 8.28 7.85 25.13
CA SER A 186 8.69 6.54 24.67
C SER A 186 9.76 6.69 23.59
N PRO A 187 10.53 5.63 23.29
CA PRO A 187 11.62 5.80 22.37
C PRO A 187 11.17 6.17 20.96
N LEU A 188 11.93 7.06 20.35
CA LEU A 188 11.78 7.41 18.93
C LEU A 188 12.72 6.57 18.08
N SER A 189 12.31 6.32 16.83
CA SER A 189 13.20 5.68 15.90
C SER A 189 14.36 6.59 15.52
N VAL A 190 15.51 5.96 15.27
CA VAL A 190 16.72 6.63 14.82
C VAL A 190 17.10 6.03 13.50
N ILE A 191 17.31 6.87 12.49
CA ILE A 191 17.85 6.48 11.20
C ILE A 191 19.26 7.07 11.17
N THR A 192 20.26 6.23 10.99
CA THR A 192 21.63 6.65 11.08
C THR A 192 22.27 6.74 9.69
N VAL A 193 23.00 7.84 9.47
CA VAL A 193 23.71 8.07 8.23
C VAL A 193 25.16 8.50 8.57
N GLN A 194 26.03 8.33 7.57
CA GLN A 194 27.42 8.75 7.66
C GLN A 194 27.65 9.95 6.77
N SER A 195 28.20 11.04 7.34
CA SER A 195 28.51 12.25 6.59
C SER A 195 29.26 11.91 5.31
N GLY A 196 28.76 12.41 4.20
CA GLY A 196 29.35 12.24 2.89
C GLY A 196 28.73 11.15 2.04
N LYS A 197 28.02 10.19 2.64
CA LYS A 197 27.41 9.14 1.87
C LYS A 197 26.00 9.53 1.41
N ARG A 198 25.54 8.75 0.45
CA ARG A 198 24.24 8.93 -0.18
CA ARG A 198 24.19 8.92 -0.19
C ARG A 198 23.41 7.64 0.01
N TYR A 199 22.14 7.80 0.33
CA TYR A 199 21.29 6.69 0.73
C TYR A 199 20.06 6.63 -0.14
N ARG A 200 19.69 5.41 -0.54
CA ARG A 200 18.38 5.19 -1.18
C ARG A 200 17.39 4.92 -0.06
N MET A 201 16.69 5.97 0.37
CA MET A 201 15.64 5.82 1.37
C MET A 201 14.37 5.33 0.68
N ARG A 202 13.87 4.22 1.15
CA ARG A 202 12.66 3.59 0.59
C ARG A 202 11.52 3.87 1.57
N LEU A 203 10.73 4.88 1.20
CA LEU A 203 9.66 5.40 2.04
C LEU A 203 8.37 4.66 1.71
N VAL A 204 7.82 3.99 2.71
CA VAL A 204 6.67 3.11 2.52
C VAL A 204 5.55 3.58 3.44
N SER A 205 4.41 3.98 2.86
CA SER A 205 3.22 4.19 3.69
C SER A 205 2.52 2.84 3.86
N ILE A 206 2.50 2.39 5.12
CA ILE A 206 1.72 1.22 5.51
C ILE A 206 0.46 1.67 6.27
N SER A 207 -0.01 2.88 5.97
CA SER A 207 -1.16 3.46 6.63
C SER A 207 -2.46 2.73 6.32
N CYS A 208 -3.32 2.62 7.33
CA CYS A 208 -4.71 2.28 7.18
C CYS A 208 -5.58 3.46 6.80
N ASP A 209 -5.08 4.69 6.89
CA ASP A 209 -5.95 5.85 6.65
C ASP A 209 -5.15 7.10 6.31
N PRO A 210 -4.49 7.78 7.28
CA PRO A 210 -3.99 9.11 6.96
C PRO A 210 -2.93 9.10 5.89
N ASN A 211 -2.91 10.25 5.18
CA ASN A 211 -1.76 10.66 4.41
C ASN A 211 -0.81 11.43 5.33
N TYR A 212 0.48 11.42 4.97
CA TYR A 212 1.49 12.10 5.76
C TYR A 212 2.21 13.14 4.93
N LEU A 213 2.52 14.28 5.56
CA LEU A 213 3.48 15.24 5.01
C LEU A 213 4.82 14.89 5.60
N PHE A 214 5.68 14.27 4.80
CA PHE A 214 6.96 13.73 5.25
C PHE A 214 8.10 14.68 4.86
N SER A 215 8.95 15.01 5.82
CA SER A 215 10.13 15.84 5.55
C SER A 215 11.22 15.51 6.54
N ILE A 216 12.42 16.02 6.24
CA ILE A 216 13.58 15.83 7.06
C ILE A 216 14.24 17.19 7.22
N ASP A 217 14.28 17.70 8.45
CA ASP A 217 14.81 19.06 8.65
C ASP A 217 16.22 19.12 8.08
N GLY A 218 16.50 20.24 7.42
CA GLY A 218 17.82 20.54 6.91
C GLY A 218 18.15 19.86 5.63
N HIS A 219 17.31 18.92 5.18
CA HIS A 219 17.66 18.07 4.07
C HIS A 219 16.59 18.26 2.99
C HIS A 219 16.68 17.81 2.87
N ASP A 220 16.96 17.85 1.80
N ASP A 220 17.20 17.91 1.66
CA ASP A 220 16.01 17.62 0.71
CA ASP A 220 16.37 17.64 0.46
C ASP A 220 16.16 16.16 0.23
N MET A 221 15.26 15.81 -0.69
CA MET A 221 14.98 14.41 -1.02
C MET A 221 14.85 14.34 -2.53
N THR A 222 15.62 13.46 -3.18
CA THR A 222 15.57 13.37 -4.64
C THR A 222 14.85 12.10 -5.04
N ILE A 223 13.59 12.22 -5.45
CA ILE A 223 12.78 11.06 -5.77
C ILE A 223 13.29 10.38 -7.04
N ILE A 224 13.43 9.05 -6.95
CA ILE A 224 13.90 8.21 -8.04
C ILE A 224 12.98 7.03 -8.34
N GLU A 225 11.94 6.81 -7.52
CA GLU A 225 11.03 5.68 -7.71
C GLU A 225 9.68 6.08 -7.11
N VAL A 226 8.60 5.69 -7.79
CA VAL A 226 7.22 5.97 -7.38
C VAL A 226 6.45 4.65 -7.49
N ASP A 227 6.02 4.08 -6.35
CA ASP A 227 5.22 2.84 -6.39
C ASP A 227 5.80 1.79 -7.34
N GLY A 228 7.12 1.54 -7.23
CA GLY A 228 7.76 0.54 -8.08
C GLY A 228 8.25 1.01 -9.42
N VAL A 229 7.92 2.23 -9.82
CA VAL A 229 8.26 2.74 -11.15
C VAL A 229 9.41 3.72 -11.04
N ASN A 230 10.51 3.43 -11.73
CA ASN A 230 11.63 4.35 -11.72
C ASN A 230 11.23 5.70 -12.30
N SER A 231 11.64 6.77 -11.64
CA SER A 231 11.35 8.11 -12.09
C SER A 231 12.63 8.85 -12.46
N GLN A 232 12.47 9.88 -13.28
CA GLN A 232 13.48 10.94 -13.37
C GLN A 232 13.70 11.52 -11.98
N GLN A 233 14.90 12.01 -11.72
CA GLN A 233 15.22 12.61 -10.42
C GLN A 233 14.35 13.85 -10.24
N LEU A 234 13.68 13.95 -9.10
CA LEU A 234 12.87 15.10 -8.74
C LEU A 234 13.18 15.49 -7.31
N THR A 235 13.80 16.66 -7.12
CA THR A 235 14.18 17.08 -5.77
C THR A 235 13.04 17.86 -5.13
N VAL A 236 12.68 17.44 -3.93
CA VAL A 236 11.62 18.04 -3.13
C VAL A 236 12.10 18.20 -1.71
N ASP A 237 11.41 19.03 -0.92
CA ASP A 237 11.69 19.12 0.50
C ASP A 237 10.54 18.64 1.37
N GLN A 238 9.45 18.16 0.77
CA GLN A 238 8.34 17.57 1.49
C GLN A 238 7.63 16.64 0.54
N ILE A 239 7.18 15.50 1.06
CA ILE A 239 6.43 14.53 0.28
C ILE A 239 5.11 14.27 0.97
N GLN A 240 4.00 14.58 0.32
CA GLN A 240 2.68 14.15 0.79
C GLN A 240 2.47 12.74 0.25
N ILE A 241 2.44 11.76 1.14
CA ILE A 241 2.38 10.35 0.77
C ILE A 241 1.08 9.77 1.31
N PHE A 242 0.29 9.19 0.41
CA PHE A 242 -1.01 8.63 0.74
C PHE A 242 -0.89 7.16 1.07
N ALA A 243 -1.94 6.65 1.71
CA ALA A 243 -1.94 5.25 2.17
C ALA A 243 -1.53 4.33 1.03
N ALA A 244 -0.55 3.46 1.32
CA ALA A 244 -0.09 2.38 0.46
C ALA A 244 0.91 2.79 -0.63
N GLN A 245 1.18 4.10 -0.77
CA GLN A 245 2.16 4.58 -1.73
C GLN A 245 3.59 4.33 -1.23
N ARG A 246 4.52 4.34 -2.19
CA ARG A 246 5.93 4.25 -1.89
C ARG A 246 6.71 5.24 -2.74
N TYR A 247 7.78 5.74 -2.17
CA TYR A 247 8.79 6.51 -2.94
C TYR A 247 10.15 6.02 -2.54
N SER A 248 11.09 5.94 -3.49
CA SER A 248 12.49 5.99 -3.09
C SER A 248 13.01 7.39 -3.31
N PHE A 249 13.81 7.88 -2.39
CA PHE A 249 14.47 9.15 -2.58
C PHE A 249 15.92 9.02 -2.15
N VAL A 250 16.79 9.73 -2.85
CA VAL A 250 18.17 9.86 -2.43
C VAL A 250 18.25 10.91 -1.34
N LEU A 251 18.84 10.49 -0.20
CA LEU A 251 19.21 11.37 0.89
C LEU A 251 20.70 11.50 0.85
N ASN A 252 21.18 12.73 0.63
CA ASN A 252 22.62 13.04 0.67
C ASN A 252 22.91 13.49 2.09
N ALA A 253 23.81 12.77 2.78
CA ALA A 253 24.16 13.13 4.16
C ALA A 253 25.17 14.30 4.10
N ASN A 254 24.67 15.46 3.68
CA ASN A 254 25.49 16.62 3.31
C ASN A 254 25.30 17.79 4.25
N GLN A 255 24.71 17.58 5.42
CA GLN A 255 24.54 18.60 6.42
C GLN A 255 25.58 18.36 7.55
N PRO A 256 25.77 19.33 8.43
CA PRO A 256 26.74 19.12 9.52
C PRO A 256 26.40 17.91 10.33
N VAL A 257 27.42 17.19 10.79
CA VAL A 257 27.17 16.08 11.71
C VAL A 257 26.32 16.57 12.86
N GLY A 258 25.22 15.86 13.10
CA GLY A 258 24.25 16.30 14.07
C GLY A 258 23.02 15.44 14.03
N ASN A 259 21.98 15.95 14.68
CA ASN A 259 20.66 15.34 14.79
C ASN A 259 19.62 16.22 14.12
N TYR A 260 18.76 15.59 13.32
CA TYR A 260 17.78 16.32 12.54
C TYR A 260 16.43 15.66 12.71
N TRP A 261 15.35 16.41 12.91
CA TRP A 261 14.04 15.77 13.00
C TRP A 261 13.59 15.24 11.63
N ILE A 262 13.04 14.02 11.69
CA ILE A 262 12.26 13.42 10.63
C ILE A 262 10.78 13.61 11.02
N ARG A 263 10.00 14.20 10.12
CA ARG A 263 8.63 14.60 10.40
C ARG A 263 7.69 13.83 9.50
N ALA A 264 6.57 13.37 10.08
CA ALA A 264 5.51 12.73 9.31
C ALA A 264 4.18 13.20 9.89
N GLN A 265 3.60 14.25 9.28
CA GLN A 265 2.39 14.88 9.80
C GLN A 265 1.17 14.23 9.17
N PRO A 266 0.34 13.47 9.92
CA PRO A 266 -0.88 12.91 9.33
C PRO A 266 -1.94 13.98 9.10
N ASN A 267 -2.87 13.71 8.19
CA ASN A 267 -3.93 14.65 7.90
C ASN A 267 -5.07 14.61 8.92
N SER A 268 -5.09 13.66 9.81
CA SER A 268 -6.00 13.54 10.92
C SER A 268 -5.16 13.10 12.13
N GLY A 269 -5.78 13.10 13.30
CA GLY A 269 -5.02 12.83 14.51
C GLY A 269 -4.18 14.04 14.91
N GLY A 270 -3.14 13.81 15.70
CA GLY A 270 -2.44 14.90 16.32
C GLY A 270 -1.73 15.80 15.32
N GLN A 271 -1.92 17.10 15.51
CA GLN A 271 -1.32 18.11 14.66
C GLN A 271 -0.11 18.71 15.37
N GLY A 272 1.00 18.76 14.66
CA GLY A 272 2.24 19.29 15.19
C GLY A 272 3.10 18.21 15.78
N PHE A 273 4.06 18.65 16.62
CA PHE A 273 5.16 17.85 17.07
C PHE A 273 5.41 17.96 18.55
N ASP A 274 4.43 18.49 19.29
CA ASP A 274 4.60 18.65 20.74
C ASP A 274 4.93 17.30 21.39
N GLY A 275 5.92 17.32 22.27
CA GLY A 275 6.32 16.12 22.97
C GLY A 275 6.99 15.06 22.11
N GLY A 276 7.30 15.42 20.87
CA GLY A 276 7.91 14.50 19.94
C GLY A 276 6.95 13.55 19.22
N ILE A 277 5.65 13.87 19.19
CA ILE A 277 4.77 13.15 18.30
C ILE A 277 5.15 13.36 16.84
N ASN A 278 4.72 12.46 15.99
CA ASN A 278 4.88 12.63 14.53
C ASN A 278 6.34 12.77 14.09
N SER A 279 7.24 12.16 14.88
CA SER A 279 8.67 12.42 14.75
C SER A 279 9.52 11.17 14.84
N ALA A 280 10.66 11.22 14.17
CA ALA A 280 11.80 10.31 14.33
C ALA A 280 13.07 11.17 14.25
N ILE A 281 14.22 10.52 14.37
CA ILE A 281 15.49 11.25 14.41
C ILE A 281 16.41 10.73 13.32
N LEU A 282 16.95 11.65 12.53
CA LEU A 282 18.07 11.37 11.62
C LEU A 282 19.33 11.75 12.37
N ARG A 283 20.16 10.74 12.63
CA ARG A 283 21.41 10.93 13.41
C ARG A 283 22.61 10.61 12.55
N TYR A 284 23.53 11.55 12.45
CA TYR A 284 24.80 11.30 11.79
C TYR A 284 25.74 10.54 12.74
N GLU A 285 26.51 9.63 12.17
CA GLU A 285 27.58 9.01 12.94
C GLU A 285 28.47 10.09 13.52
N GLY A 286 28.76 9.93 14.81
CA GLY A 286 29.57 10.90 15.56
C GLY A 286 28.78 12.01 16.24
N ALA A 287 27.48 12.13 15.94
CA ALA A 287 26.66 13.11 16.62
C ALA A 287 26.43 12.71 18.08
N THR A 288 26.18 13.69 18.92
CA THR A 288 25.77 13.45 20.27
C THR A 288 24.42 12.70 20.30
N VAL A 289 24.25 11.79 21.24
CA VAL A 289 22.99 11.07 21.40
C VAL A 289 22.04 11.96 22.18
N GLU A 290 21.26 12.74 21.44
CA GLU A 290 20.35 13.72 21.99
C GLU A 290 19.32 14.03 20.91
N ASP A 291 18.22 14.63 21.30
CA ASP A 291 17.20 14.98 20.33
C ASP A 291 17.69 16.09 19.42
N PRO A 292 17.21 16.14 18.18
CA PRO A 292 17.43 17.31 17.35
C PRO A 292 16.87 18.57 18.00
N THR A 293 17.46 19.69 17.59
CA THR A 293 16.96 21.00 17.93
C THR A 293 16.51 21.80 16.71
N THR A 294 16.43 21.16 15.56
CA THR A 294 16.04 21.78 14.32
C THR A 294 14.56 22.09 14.30
N THR A 295 14.19 23.02 13.41
CA THR A 295 12.78 23.32 13.19
C THR A 295 12.44 23.19 11.71
N ALA A 296 11.19 22.92 11.43
CA ALA A 296 10.68 22.97 10.07
C ALA A 296 10.55 24.42 9.61
N PRO A 297 10.53 24.67 8.32
CA PRO A 297 10.10 25.97 7.84
C PRO A 297 8.60 26.16 8.06
N THR A 298 8.17 27.42 7.97
CA THR A 298 6.74 27.68 7.97
C THR A 298 6.10 27.19 6.69
N THR A 299 6.79 27.37 5.57
CA THR A 299 6.33 26.99 4.24
C THR A 299 7.45 26.24 3.57
N PHE A 300 7.16 25.07 3.03
CA PHE A 300 8.13 24.28 2.32
C PHE A 300 8.38 24.87 0.95
N SER A 301 9.63 24.78 0.48
CA SER A 301 10.01 25.41 -0.76
C SER A 301 9.66 24.65 -2.02
N ASN A 302 9.69 23.32 -1.93
CA ASN A 302 9.59 22.45 -3.10
C ASN A 302 8.80 21.22 -2.74
N PRO A 303 7.53 21.36 -2.36
CA PRO A 303 6.73 20.18 -2.06
C PRO A 303 6.55 19.32 -3.32
N LEU A 304 6.42 18.02 -3.12
CA LEU A 304 6.07 17.14 -4.23
C LEU A 304 4.69 17.52 -4.77
N VAL A 305 4.63 17.62 -6.11
CA VAL A 305 3.39 17.77 -6.88
C VAL A 305 3.41 16.63 -7.89
N GLU A 306 2.37 15.81 -7.95
CA GLU A 306 2.44 14.57 -8.69
C GLU A 306 2.71 14.75 -10.17
N THR A 307 2.22 15.86 -10.76
CA THR A 307 2.45 16.12 -12.18
C THR A 307 3.90 16.47 -12.48
N ASP A 308 4.72 16.74 -11.47
CA ASP A 308 6.15 16.97 -11.70
C ASP A 308 6.93 15.67 -11.90
N LEU A 309 6.35 14.53 -11.50
CA LEU A 309 7.03 13.25 -11.63
C LEU A 309 6.93 12.74 -13.07
N HIS A 310 8.00 12.11 -13.55
CA HIS A 310 7.96 11.51 -14.88
C HIS A 310 8.75 10.22 -14.84
N PRO A 311 8.32 9.19 -15.60
CA PRO A 311 9.09 7.95 -15.63
C PRO A 311 10.50 8.15 -16.12
N LEU A 312 11.42 7.34 -15.60
CA LEU A 312 12.77 7.27 -16.11
C LEU A 312 12.80 6.69 -17.53
N ALA A 313 12.04 5.63 -17.74
CA ALA A 313 11.89 5.02 -19.05
C ALA A 313 10.85 5.73 -19.86
N ASP A 314 10.85 5.48 -21.17
CA ASP A 314 9.87 6.06 -22.06
C ASP A 314 8.60 5.20 -22.02
N LEU A 315 7.74 5.46 -21.06
CA LEU A 315 6.55 4.65 -20.84
C LEU A 315 5.34 5.14 -21.62
N GLY A 316 5.29 6.43 -21.91
CA GLY A 316 4.15 7.00 -22.61
C GLY A 316 2.84 6.83 -21.86
N VAL A 317 1.77 6.84 -22.65
CA VAL A 317 0.40 6.65 -22.19
C VAL A 317 -0.31 5.84 -23.26
N PRO A 318 -0.95 4.74 -22.92
CA PRO A 318 -1.66 3.98 -23.97
C PRO A 318 -2.94 4.72 -24.37
N GLY A 319 -3.43 4.36 -25.56
CA GLY A 319 -4.64 4.99 -26.08
C GLY A 319 -4.38 6.26 -26.84
N GLN A 320 -5.40 7.10 -26.90
CA GLN A 320 -5.39 8.33 -27.68
C GLN A 320 -5.40 9.53 -26.75
N PRO A 321 -4.87 10.66 -27.17
CA PRO A 321 -4.62 11.76 -26.25
C PRO A 321 -5.81 12.69 -26.02
N PHE A 322 -6.89 12.12 -25.50
CA PHE A 322 -8.09 12.87 -25.15
C PHE A 322 -8.97 12.00 -24.26
N ARG A 323 -9.88 12.65 -23.54
CA ARG A 323 -10.76 11.93 -22.62
C ARG A 323 -11.58 10.94 -23.40
N GLY A 324 -11.70 9.71 -22.89
CA GLY A 324 -12.42 8.67 -23.58
C GLY A 324 -11.65 8.00 -24.69
N GLY A 325 -10.39 8.38 -24.89
CA GLY A 325 -9.57 7.82 -25.96
C GLY A 325 -8.95 6.47 -25.58
N ALA A 326 -9.81 5.51 -25.34
CA ALA A 326 -9.43 4.17 -24.93
C ALA A 326 -10.41 3.20 -25.49
N ASP A 327 -10.04 1.91 -25.56
CA ASP A 327 -10.97 0.87 -25.98
C ASP A 327 -12.14 0.71 -25.04
N ASP A 328 -11.87 0.84 -23.73
CA ASP A 328 -12.92 0.66 -22.72
C ASP A 328 -12.81 1.85 -21.75
N PRO A 329 -13.44 2.97 -22.10
CA PRO A 329 -13.36 4.16 -21.23
C PRO A 329 -14.49 4.12 -20.22
N LEU A 330 -14.13 4.21 -18.95
CA LEU A 330 -15.06 4.16 -17.82
C LEU A 330 -15.00 5.43 -17.03
N VAL A 331 -16.12 5.76 -16.41
CA VAL A 331 -16.21 6.86 -15.44
C VAL A 331 -16.96 6.27 -14.26
N LEU A 332 -16.33 6.18 -13.10
CA LEU A 332 -17.00 5.59 -11.94
C LEU A 332 -17.65 6.68 -11.12
N ASN A 333 -18.87 6.37 -10.63
CA ASN A 333 -19.59 7.25 -9.71
C ASN A 333 -19.28 6.76 -8.29
N LEU A 334 -18.42 7.51 -7.62
CA LEU A 334 -17.86 7.15 -6.31
C LEU A 334 -18.63 7.96 -5.29
N ALA A 335 -19.31 7.29 -4.36
CA ALA A 335 -20.21 8.02 -3.45
C ALA A 335 -20.12 7.45 -2.05
N PHE A 336 -20.61 8.25 -1.10
CA PHE A 336 -20.75 7.87 0.31
C PHE A 336 -22.06 8.35 0.84
N ALA A 337 -22.77 7.50 1.57
CA ALA A 337 -23.95 7.95 2.32
C ALA A 337 -24.22 6.98 3.43
N ASN A 338 -24.61 7.52 4.59
CA ASN A 338 -25.17 6.68 5.67
C ASN A 338 -24.26 5.57 6.12
N GLY A 339 -22.94 5.85 6.13
CA GLY A 339 -21.98 4.93 6.63
C GLY A 339 -21.42 3.97 5.60
N ARG A 340 -21.92 4.01 4.37
CA ARG A 340 -21.48 3.07 3.33
C ARG A 340 -21.01 3.85 2.11
N PHE A 341 -19.92 3.35 1.53
CA PHE A 341 -19.45 3.79 0.21
C PHE A 341 -20.06 2.95 -0.86
N SER A 342 -20.11 3.52 -2.07
CA SER A 342 -20.58 2.78 -3.23
C SER A 342 -19.82 3.22 -4.48
N ILE A 343 -19.81 2.29 -5.43
CA ILE A 343 -19.26 2.54 -6.76
C ILE A 343 -20.37 2.20 -7.77
N ASP A 344 -20.76 3.18 -8.56
CA ASP A 344 -21.91 3.02 -9.48
C ASP A 344 -23.11 2.45 -8.79
N GLY A 345 -23.35 2.95 -7.58
CA GLY A 345 -24.54 2.66 -6.84
C GLY A 345 -24.51 1.36 -6.05
N VAL A 346 -23.37 0.64 -6.04
CA VAL A 346 -23.29 -0.64 -5.35
C VAL A 346 -22.17 -0.57 -4.29
N SER A 347 -22.54 -0.89 -3.07
CA SER A 347 -21.58 -0.97 -1.98
C SER A 347 -20.98 -2.36 -1.92
N PHE A 348 -19.66 -2.47 -1.87
CA PHE A 348 -19.02 -3.78 -1.90
C PHE A 348 -19.19 -4.51 -0.58
N VAL A 349 -19.73 -5.73 -0.64
CA VAL A 349 -19.82 -6.63 0.51
C VAL A 349 -19.22 -7.93 0.05
N PRO A 350 -18.17 -8.46 0.69
CA PRO A 350 -17.47 -9.62 0.12
C PRO A 350 -18.42 -10.80 -0.08
N PRO A 351 -18.26 -11.53 -1.19
CA PRO A 351 -19.14 -12.68 -1.46
C PRO A 351 -18.68 -13.92 -0.67
N THR A 352 -19.57 -14.92 -0.60
CA THR A 352 -19.24 -16.15 0.07
C THR A 352 -18.25 -17.00 -0.71
N VAL A 353 -18.39 -17.03 -2.03
CA VAL A 353 -17.48 -17.77 -2.89
C VAL A 353 -16.54 -16.76 -3.50
N PRO A 354 -15.22 -16.92 -3.36
CA PRO A 354 -14.33 -15.92 -3.95
C PRO A 354 -14.59 -15.76 -5.43
N VAL A 355 -14.44 -14.51 -5.92
CA VAL A 355 -14.67 -14.24 -7.32
C VAL A 355 -13.87 -15.18 -8.24
N LEU A 356 -12.57 -15.39 -7.93
CA LEU A 356 -11.79 -16.28 -8.77
C LEU A 356 -12.43 -17.67 -8.86
N LEU A 357 -12.84 -18.23 -7.69
CA LEU A 357 -13.44 -19.56 -7.69
C LEU A 357 -14.75 -19.57 -8.48
N GLN A 358 -15.54 -18.52 -8.37
CA GLN A 358 -16.77 -18.44 -9.19
C GLN A 358 -16.42 -18.56 -10.68
N ILE A 359 -15.38 -17.86 -11.11
CA ILE A 359 -14.97 -17.90 -12.51
C ILE A 359 -14.48 -19.31 -12.89
N LEU A 360 -13.63 -19.90 -12.05
CA LEU A 360 -13.10 -21.22 -12.36
C LEU A 360 -14.22 -22.26 -12.43
N SER A 361 -15.28 -22.06 -11.66
CA SER A 361 -16.44 -22.95 -11.68
C SER A 361 -17.37 -22.71 -12.86
N GLY A 362 -17.09 -21.74 -13.69
CA GLY A 362 -17.77 -21.59 -14.98
C GLY A 362 -18.59 -20.33 -15.11
N ALA A 363 -18.61 -19.44 -14.14
CA ALA A 363 -19.38 -18.22 -14.27
C ALA A 363 -18.68 -17.48 -15.31
N GLN A 364 -19.34 -17.16 -16.39
CA GLN A 364 -18.59 -16.55 -17.48
C GLN A 364 -19.06 -15.21 -18.03
N ASN A 365 -19.84 -14.46 -17.28
CA ASN A 365 -19.84 -12.99 -17.49
C ASN A 365 -20.00 -12.35 -16.17
N ALA A 366 -19.74 -11.09 -16.18
CA ALA A 366 -19.63 -10.41 -14.96
C ALA A 366 -20.98 -10.17 -14.33
N GLN A 367 -22.02 -10.14 -15.17
CA GLN A 367 -23.39 -10.16 -14.66
C GLN A 367 -23.72 -11.47 -13.85
N ASP A 368 -23.05 -12.60 -14.11
CA ASP A 368 -23.22 -13.88 -13.38
C ASP A 368 -22.44 -13.87 -12.05
C ASP A 368 -22.58 -13.74 -11.98
N LEU A 369 -21.58 -12.88 -11.82
N LEU A 369 -21.51 -12.94 -11.88
CA LEU A 369 -20.64 -12.97 -10.73
C LEU A 369 -21.18 -12.21 -9.54
N LEU A 370 -20.91 -12.76 -8.36
CA LEU A 370 -21.30 -12.17 -7.09
C LEU A 370 -20.07 -11.49 -6.49
N PRO A 371 -20.27 -10.33 -5.85
CA PRO A 371 -21.56 -9.70 -5.58
C PRO A 371 -22.17 -9.04 -6.81
N ALA A 372 -23.48 -9.13 -6.96
CA ALA A 372 -24.11 -8.55 -8.13
C ALA A 372 -23.85 -7.05 -8.19
N GLY A 373 -23.41 -6.59 -9.37
CA GLY A 373 -23.13 -5.22 -9.59
C GLY A 373 -21.77 -4.74 -9.14
N SER A 374 -21.02 -5.60 -8.43
CA SER A 374 -19.69 -5.24 -7.93
C SER A 374 -18.58 -5.79 -8.79
N VAL A 375 -18.86 -6.59 -9.80
CA VAL A 375 -17.83 -7.18 -10.65
C VAL A 375 -18.09 -6.67 -12.06
N ILE A 376 -17.08 -6.03 -12.63
CA ILE A 376 -17.14 -5.41 -13.96
C ILE A 376 -16.12 -6.12 -14.83
N SER A 377 -16.55 -6.64 -15.97
CA SER A 377 -15.64 -7.32 -16.87
C SER A 377 -14.79 -6.30 -17.63
N LEU A 378 -13.54 -6.67 -17.91
CA LEU A 378 -12.70 -5.93 -18.82
C LEU A 378 -12.33 -6.86 -19.98
N PRO A 379 -12.29 -6.33 -21.18
CA PRO A 379 -11.84 -7.15 -22.33
C PRO A 379 -10.34 -7.27 -22.35
N SER A 380 -9.87 -8.35 -22.95
CA SER A 380 -8.43 -8.58 -23.08
C SER A 380 -7.77 -7.65 -24.10
N ASN A 381 -6.47 -7.44 -23.90
CA ASN A 381 -5.60 -6.77 -24.83
C ASN A 381 -6.17 -5.42 -25.29
N SER A 382 -6.66 -4.65 -24.33
CA SER A 382 -7.41 -3.43 -24.57
C SER A 382 -6.87 -2.31 -23.69
N VAL A 383 -6.96 -1.09 -24.17
CA VAL A 383 -6.65 0.08 -23.37
C VAL A 383 -7.87 0.44 -22.55
N ILE A 384 -7.70 0.49 -21.23
CA ILE A 384 -8.73 0.85 -20.29
C ILE A 384 -8.41 2.23 -19.76
N GLU A 385 -9.46 3.07 -19.67
CA GLU A 385 -9.36 4.34 -18.98
C GLU A 385 -10.38 4.33 -17.85
N VAL A 386 -10.00 4.77 -16.65
CA VAL A 386 -10.92 4.87 -15.54
C VAL A 386 -10.81 6.26 -14.95
N ALA A 387 -11.87 7.06 -15.12
CA ALA A 387 -11.99 8.33 -14.44
C ALA A 387 -12.64 8.10 -13.07
N LEU A 388 -12.06 8.76 -12.07
CA LEU A 388 -12.40 8.56 -10.65
C LEU A 388 -12.73 9.92 -10.01
N PRO A 389 -13.83 10.57 -10.43
CA PRO A 389 -14.08 11.92 -9.92
C PRO A 389 -14.36 11.92 -8.42
N ALA A 390 -13.68 12.82 -7.72
CA ALA A 390 -13.76 12.93 -6.28
C ALA A 390 -15.03 13.68 -5.84
N GLY A 391 -15.22 13.70 -4.52
CA GLY A 391 -16.36 14.37 -3.92
C GLY A 391 -16.91 13.58 -2.74
N ALA A 392 -16.79 12.26 -2.79
CA ALA A 392 -17.28 11.42 -1.68
C ALA A 392 -16.58 11.81 -0.38
N ALA A 393 -17.35 11.86 0.73
CA ALA A 393 -16.81 12.18 2.04
C ALA A 393 -15.65 11.29 2.40
N GLY A 394 -14.82 11.83 3.29
CA GLY A 394 -13.70 11.10 3.85
C GLY A 394 -12.43 11.19 3.02
N GLY A 395 -12.41 12.00 1.99
CA GLY A 395 -11.26 12.11 1.12
C GLY A 395 -10.13 12.91 1.74
N PRO A 396 -8.99 12.99 1.05
CA PRO A 396 -8.76 12.46 -0.29
C PRO A 396 -8.53 10.97 -0.29
N HIS A 397 -9.21 10.28 -1.21
CA HIS A 397 -9.21 8.82 -1.26
C HIS A 397 -8.07 8.31 -2.15
N PRO A 398 -7.17 7.46 -1.62
CA PRO A 398 -6.11 6.87 -2.44
C PRO A 398 -6.60 5.55 -3.06
N PHE A 399 -6.96 5.61 -4.33
CA PHE A 399 -7.43 4.45 -5.04
C PHE A 399 -6.29 3.60 -5.56
N HIS A 400 -6.47 2.28 -5.44
CA HIS A 400 -5.45 1.30 -5.78
C HIS A 400 -6.06 0.19 -6.59
N LEU A 401 -5.30 -0.26 -7.62
CA LEU A 401 -5.69 -1.36 -8.48
C LEU A 401 -4.68 -2.49 -8.32
N HIS A 402 -5.19 -3.70 -7.99
CA HIS A 402 -4.37 -4.90 -7.98
C HIS A 402 -4.02 -5.33 -9.43
N GLY A 403 -2.93 -6.08 -9.56
CA GLY A 403 -2.61 -6.73 -10.82
C GLY A 403 -1.96 -5.86 -11.85
N HIS A 404 -1.79 -4.57 -11.55
CA HIS A 404 -1.45 -3.57 -12.55
C HIS A 404 -0.82 -2.36 -11.88
N ASN A 405 0.02 -1.66 -12.65
CA ASN A 405 0.18 -0.22 -12.42
C ASN A 405 -0.50 0.50 -13.59
N PHE A 406 -0.46 1.83 -13.54
CA PHE A 406 -1.26 2.61 -14.47
C PHE A 406 -0.63 3.96 -14.68
N ALA A 407 -0.91 4.54 -15.84
CA ALA A 407 -0.54 5.94 -16.09
C ALA A 407 -1.53 6.83 -15.37
N VAL A 408 -1.00 7.84 -14.67
CA VAL A 408 -1.86 8.81 -14.00
C VAL A 408 -2.07 9.97 -14.98
N VAL A 409 -3.07 9.82 -15.84
CA VAL A 409 -3.33 10.82 -16.88
C VAL A 409 -3.80 12.14 -16.29
N GLN A 410 -4.46 12.13 -15.14
CA GLN A 410 -4.84 13.36 -14.49
C GLN A 410 -4.69 13.16 -13.00
N SER A 411 -4.06 14.13 -12.36
CA SER A 411 -3.76 14.11 -10.92
C SER A 411 -4.66 15.05 -10.13
N ALA A 412 -4.59 14.92 -8.82
CA ALA A 412 -5.35 15.76 -7.91
C ALA A 412 -5.02 17.22 -8.12
N ASN A 413 -6.06 18.06 -7.96
CA ASN A 413 -5.89 19.50 -7.86
C ASN A 413 -5.38 20.18 -9.11
N ASN A 414 -5.50 19.51 -10.26
CA ASN A 414 -5.05 20.07 -11.54
C ASN A 414 -5.93 19.49 -12.59
N ALA A 415 -6.65 20.34 -13.31
CA ALA A 415 -7.64 19.91 -14.29
C ALA A 415 -7.03 19.44 -15.61
N THR A 416 -5.71 19.62 -15.80
CA THR A 416 -5.10 19.34 -17.07
C THR A 416 -4.62 17.89 -17.14
N PRO A 417 -5.07 17.11 -18.13
CA PRO A 417 -4.57 15.76 -18.29
C PRO A 417 -3.21 15.78 -18.99
N ASN A 418 -2.48 14.67 -18.87
CA ASN A 418 -1.17 14.50 -19.47
C ASN A 418 -1.16 13.17 -20.20
N TYR A 419 -1.18 13.24 -21.55
CA TYR A 419 -1.16 12.08 -22.38
C TYR A 419 0.21 11.77 -22.96
N VAL A 420 1.24 12.45 -22.41
CA VAL A 420 2.61 12.36 -22.94
C VAL A 420 3.52 11.58 -21.99
N ASN A 421 3.71 12.10 -20.78
CA ASN A 421 4.73 11.53 -19.89
C ASN A 421 4.35 11.55 -18.42
N PRO A 422 3.11 11.24 -18.06
CA PRO A 422 2.81 11.20 -16.63
C PRO A 422 3.49 10.03 -15.95
N ILE A 423 3.66 10.16 -14.63
CA ILE A 423 4.11 9.03 -13.85
C ILE A 423 3.11 7.87 -13.97
N TRP A 424 3.67 6.65 -13.85
CA TRP A 424 2.89 5.44 -13.63
C TRP A 424 3.05 5.06 -12.16
N ARG A 425 1.97 4.51 -11.58
CA ARG A 425 2.03 4.11 -10.18
C ARG A 425 0.89 3.11 -9.92
N ASP A 426 0.70 2.72 -8.65
CA ASP A 426 -0.38 1.76 -8.36
C ASP A 426 -1.42 2.27 -7.37
N THR A 427 -1.16 3.39 -6.70
CA THR A 427 -2.12 3.97 -5.72
C THR A 427 -2.08 5.46 -5.94
N VAL A 428 -3.25 6.08 -6.13
CA VAL A 428 -3.29 7.49 -6.52
C VAL A 428 -4.36 8.22 -5.71
N SER A 429 -4.02 9.37 -5.14
CA SER A 429 -5.06 10.20 -4.56
C SER A 429 -5.97 10.72 -5.65
N ILE A 430 -7.28 10.58 -5.43
CA ILE A 430 -8.27 11.12 -6.37
C ILE A 430 -8.61 12.57 -6.07
N GLY A 431 -7.99 13.16 -5.04
CA GLY A 431 -8.11 14.61 -4.86
C GLY A 431 -9.37 15.06 -4.18
N GLY A 432 -9.81 16.25 -4.60
CA GLY A 432 -10.86 17.00 -3.94
C GLY A 432 -12.01 17.28 -4.86
N THR A 433 -13.00 17.98 -4.30
CA THR A 433 -14.24 18.20 -4.99
C THR A 433 -13.98 18.85 -6.36
N GLY A 434 -14.59 18.28 -7.40
CA GLY A 434 -14.42 18.72 -8.74
C GLY A 434 -13.27 18.11 -9.52
N ASP A 435 -12.37 17.41 -8.85
CA ASP A 435 -11.25 16.77 -9.55
C ASP A 435 -11.73 15.63 -10.42
N ASN A 436 -10.84 15.22 -11.34
CA ASN A 436 -11.16 14.12 -12.23
C ASN A 436 -9.91 13.29 -12.50
N VAL A 437 -9.33 12.80 -11.40
CA VAL A 437 -8.18 11.89 -11.50
C VAL A 437 -8.57 10.72 -12.36
N THR A 438 -7.68 10.41 -13.32
CA THR A 438 -7.95 9.42 -14.35
C THR A 438 -6.70 8.57 -14.56
N ILE A 439 -6.93 7.26 -14.71
CA ILE A 439 -5.86 6.29 -14.87
C ILE A 439 -6.06 5.54 -16.18
N ARG A 440 -4.95 5.04 -16.74
CA ARG A 440 -5.01 4.16 -17.91
C ARG A 440 -4.05 3.00 -17.77
N PHE A 441 -4.44 1.88 -18.36
CA PHE A 441 -3.60 0.67 -18.41
C PHE A 441 -4.10 -0.20 -19.54
N THR A 442 -3.32 -1.22 -19.89
CA THR A 442 -3.70 -2.21 -20.89
C THR A 442 -3.92 -3.54 -20.22
N THR A 443 -4.96 -4.26 -20.67
CA THR A 443 -5.30 -5.54 -20.08
C THR A 443 -4.55 -6.78 -20.59
C THR A 443 -4.34 -6.56 -20.76
N ASN A 444 -3.41 -7.06 -19.99
CA ASN A 444 -2.57 -8.19 -20.37
C ASN A 444 -2.36 -9.14 -19.20
N ASN A 445 -3.34 -9.22 -18.30
CA ASN A 445 -3.20 -9.99 -17.07
C ASN A 445 -4.55 -10.58 -16.65
N PRO A 446 -4.94 -11.71 -17.23
CA PRO A 446 -6.26 -12.26 -16.92
C PRO A 446 -6.45 -12.60 -15.44
N GLY A 447 -7.59 -12.20 -14.90
CA GLY A 447 -7.97 -12.54 -13.55
C GLY A 447 -8.80 -11.44 -12.92
N PRO A 448 -9.38 -11.73 -11.75
CA PRO A 448 -10.15 -10.71 -11.02
C PRO A 448 -9.23 -9.86 -10.15
N TRP A 449 -9.22 -8.57 -10.43
CA TRP A 449 -8.34 -7.60 -9.77
C TRP A 449 -9.17 -6.59 -9.03
N PHE A 450 -8.86 -6.47 -7.73
CA PHE A 450 -9.58 -5.54 -6.88
C PHE A 450 -9.18 -4.10 -7.21
N LEU A 451 -10.19 -3.20 -7.21
CA LEU A 451 -10.00 -1.74 -7.32
C LEU A 451 -10.69 -1.15 -6.10
N HIS A 452 -9.95 -0.42 -5.27
CA HIS A 452 -10.57 0.06 -4.04
C HIS A 452 -9.82 1.23 -3.48
N CYS A 453 -10.51 1.99 -2.61
CA CYS A 453 -9.84 2.97 -1.78
C CYS A 453 -8.97 2.21 -0.77
N HIS A 454 -7.74 2.69 -0.56
CA HIS A 454 -6.82 2.05 0.35
C HIS A 454 -6.87 2.61 1.76
N ILE A 455 -7.82 3.50 2.04
CA ILE A 455 -8.18 3.79 3.45
C ILE A 455 -8.99 2.57 3.88
N ASP A 456 -8.42 1.77 4.77
CA ASP A 456 -8.98 0.45 5.02
C ASP A 456 -10.38 0.51 5.59
N TRP A 457 -10.65 1.56 6.38
CA TRP A 457 -11.97 1.75 6.94
C TRP A 457 -13.02 1.96 5.83
N HIS A 458 -12.58 2.56 4.73
CA HIS A 458 -13.47 2.81 3.58
C HIS A 458 -13.69 1.56 2.75
N LEU A 459 -12.61 0.78 2.55
CA LEU A 459 -12.77 -0.53 1.92
C LEU A 459 -13.79 -1.36 2.69
N GLU A 460 -13.65 -1.40 4.01
CA GLU A 460 -14.54 -2.21 4.84
C GLU A 460 -15.98 -1.74 4.69
N ALA A 461 -16.18 -0.43 4.50
CA ALA A 461 -17.48 0.17 4.34
C ALA A 461 -17.95 0.20 2.88
N GLY A 462 -17.27 -0.55 1.99
CA GLY A 462 -17.80 -0.85 0.68
C GLY A 462 -17.18 -0.17 -0.51
N PHE A 463 -16.05 0.53 -0.34
CA PHE A 463 -15.54 1.41 -1.43
C PHE A 463 -14.63 0.60 -2.38
N ALA A 464 -15.25 -0.27 -3.16
CA ALA A 464 -14.50 -1.22 -3.99
C ALA A 464 -15.36 -1.77 -5.09
N ILE A 465 -14.71 -2.23 -6.17
CA ILE A 465 -15.28 -3.09 -7.19
C ILE A 465 -14.18 -4.08 -7.58
N VAL A 466 -14.58 -5.12 -8.29
CA VAL A 466 -13.63 -6.08 -8.86
C VAL A 466 -13.66 -5.96 -10.37
N PHE A 467 -12.49 -5.79 -10.99
CA PHE A 467 -12.39 -5.88 -12.46
C PHE A 467 -12.08 -7.32 -12.80
N ALA A 468 -13.04 -8.00 -13.40
CA ALA A 468 -12.83 -9.37 -13.90
C ALA A 468 -12.22 -9.23 -15.29
N GLU A 469 -10.89 -9.18 -15.31
CA GLU A 469 -10.14 -8.95 -16.53
C GLU A 469 -10.06 -10.25 -17.32
N ASP A 470 -10.53 -10.24 -18.57
CA ASP A 470 -10.41 -11.41 -19.44
C ASP A 470 -10.94 -12.67 -18.75
N ILE A 471 -12.22 -12.65 -18.43
CA ILE A 471 -12.86 -13.83 -17.87
C ILE A 471 -12.55 -15.09 -18.72
N PRO A 472 -12.68 -15.02 -20.05
CA PRO A 472 -12.51 -16.27 -20.82
C PRO A 472 -11.20 -16.94 -20.65
N ASP A 473 -10.12 -16.21 -20.38
CA ASP A 473 -8.79 -16.77 -20.27
C ASP A 473 -8.32 -16.90 -18.82
N THR A 474 -9.19 -16.61 -17.79
CA THR A 474 -8.76 -16.64 -16.47
C THR A 474 -8.35 -18.03 -16.01
N ALA A 475 -9.14 -19.05 -16.35
CA ALA A 475 -8.82 -20.41 -15.89
C ALA A 475 -7.54 -20.94 -16.54
N SER A 476 -7.37 -20.74 -17.84
CA SER A 476 -6.17 -21.24 -18.49
C SER A 476 -4.94 -20.47 -18.02
N ALA A 477 -5.09 -19.16 -17.75
CA ALA A 477 -3.94 -18.36 -17.36
C ALA A 477 -3.47 -18.62 -15.95
N ASN A 478 -4.35 -19.06 -15.06
CA ASN A 478 -4.07 -19.14 -13.62
C ASN A 478 -4.33 -20.54 -13.07
N PRO A 479 -3.55 -21.53 -13.50
CA PRO A 479 -3.70 -22.87 -12.88
C PRO A 479 -3.53 -22.77 -11.39
N VAL A 480 -4.34 -23.49 -10.63
CA VAL A 480 -4.36 -23.35 -9.18
C VAL A 480 -3.80 -24.59 -8.51
N PRO A 481 -3.04 -24.41 -7.42
CA PRO A 481 -2.54 -25.58 -6.67
C PRO A 481 -3.60 -26.20 -5.82
N GLN A 482 -3.41 -27.47 -5.46
CA GLN A 482 -4.38 -28.15 -4.63
C GLN A 482 -4.60 -27.41 -3.31
N ALA A 483 -3.53 -26.87 -2.73
CA ALA A 483 -3.71 -26.18 -1.45
C ALA A 483 -4.67 -25.01 -1.57
N TRP A 484 -4.66 -24.31 -2.71
CA TRP A 484 -5.62 -23.23 -2.92
C TRP A 484 -7.04 -23.79 -3.01
N SER A 485 -7.21 -24.88 -3.79
CA SER A 485 -8.50 -25.49 -3.90
C SER A 485 -9.05 -25.96 -2.55
N ASP A 486 -8.16 -26.29 -1.62
CA ASP A 486 -8.55 -26.72 -0.28
C ASP A 486 -8.99 -25.60 0.65
N LEU A 487 -8.66 -24.34 0.32
CA LEU A 487 -8.92 -23.24 1.23
C LEU A 487 -10.40 -23.05 1.50
N CYS A 488 -11.26 -22.95 0.48
CA CYS A 488 -12.64 -22.66 0.75
C CYS A 488 -13.35 -23.78 1.49
N PRO A 489 -13.13 -25.05 1.13
CA PRO A 489 -13.81 -26.09 1.92
C PRO A 489 -13.39 -26.04 3.39
N ALA A 490 -12.12 -25.78 3.66
CA ALA A 490 -11.66 -25.73 5.05
C ALA A 490 -12.26 -24.54 5.79
N TYR A 491 -12.29 -23.39 5.12
CA TYR A 491 -12.85 -22.18 5.72
C TYR A 491 -14.33 -22.33 5.99
N ASP A 492 -15.06 -22.79 4.99
CA ASP A 492 -16.50 -22.91 5.15
C ASP A 492 -16.86 -23.96 6.21
N GLN A 493 -16.10 -25.04 6.31
CA GLN A 493 -16.34 -26.03 7.36
C GLN A 493 -16.11 -25.38 8.74
N ALA A 494 -15.00 -24.65 8.88
CA ALA A 494 -14.67 -24.06 10.16
C ALA A 494 -15.71 -23.03 10.61
N HIS A 495 -16.32 -22.34 9.65
CA HIS A 495 -17.27 -21.28 9.93
C HIS A 495 -18.73 -21.72 9.80
N ASN A 496 -18.96 -23.02 9.59
CA ASN A 496 -20.29 -23.56 9.38
C ASN A 496 -21.09 -22.84 8.31
N ILE A 497 -20.44 -22.62 7.17
CA ILE A 497 -21.05 -22.06 5.98
C ILE A 497 -21.41 -23.22 5.05
N SER A 498 -22.67 -23.24 4.60
C1 NAG B . -14.27 13.12 -15.94
C2 NAG B . -15.54 13.96 -16.00
C3 NAG B . -16.64 13.22 -16.74
C4 NAG B . -16.13 12.70 -18.06
C5 NAG B . -14.82 11.92 -17.87
C6 NAG B . -14.26 11.40 -19.16
C7 NAG B . -15.78 15.37 -13.99
C8 NAG B . -16.40 15.51 -12.63
N2 NAG B . -16.03 14.24 -14.63
O3 NAG B . -17.73 14.13 -16.90
O4 NAG B . -17.06 11.82 -18.68
O5 NAG B . -13.87 12.76 -17.24
O6 NAG B . -13.03 10.72 -18.97
O7 NAG B . -15.05 16.28 -14.44
H1 NAG B . -14.49 12.21 -15.39
H2 NAG B . -15.34 14.89 -16.53
H3 NAG B . -16.96 12.35 -16.14
H4 NAG B . -15.91 13.55 -18.71
H5 NAG B . -15.03 11.05 -17.22
H61 NAG B . -14.12 12.23 -19.85
H62 NAG B . -14.96 10.70 -19.63
H81 NAG B . -15.67 15.29 -11.89
H82 NAG B . -16.73 16.50 -12.50
H83 NAG B . -17.21 14.85 -12.52
HN2 NAG B . -16.61 13.54 -14.20
C1 NAG B . -18.00 12.29 -19.53
C2 NAG B . -18.37 11.23 -20.55
C3 NAG B . -19.56 11.69 -21.39
C4 NAG B . -20.73 12.27 -20.53
C5 NAG B . -20.24 13.28 -19.45
C6 NAG B . -21.36 13.60 -18.41
C7 NAG B . -16.35 11.54 -22.16
C8 NAG B . -16.63 12.99 -22.47
N2 NAG B . -17.15 10.79 -21.35
O3 NAG B . -20.04 10.58 -22.20
O4 NAG B . -21.63 12.93 -21.38
O5 NAG B . -19.16 12.71 -18.75
O6 NAG B . -20.77 14.37 -17.32
O7 NAG B . -15.31 11.10 -22.68
H1 NAG B . -17.65 13.18 -20.05
H2 NAG B . -18.71 10.34 -19.98
H3 NAG B . -19.25 12.50 -22.06
H4 NAG B . -21.24 11.44 -20.02
H5 NAG B . -19.93 14.20 -19.95
H61 NAG B . -21.78 12.67 -18.03
H62 NAG B . -22.15 14.17 -18.88
C1 NAG C . -0.93 20.67 -14.21
C2 NAG C . 0.45 21.25 -13.92
C3 NAG C . 1.17 21.52 -15.23
C4 NAG C . 1.14 20.30 -16.16
C5 NAG C . -0.23 19.69 -16.24
C6 NAG C . -0.27 18.37 -16.98
C7 NAG C . 1.08 22.77 -12.07
C8 NAG C . 0.77 24.07 -11.39
N2 NAG C . 0.33 22.46 -13.13
O3 NAG C . 2.48 21.96 -14.94
O4 NAG C . 1.51 20.70 -17.48
O5 NAG C . -0.77 19.46 -14.95
O6 NAG C . 0.51 17.36 -16.33
O7 NAG C . 2.00 22.03 -11.67
H1 NAG C . -1.48 21.39 -14.82
H2 NAG C . 1.03 20.49 -13.36
H3 NAG C . 0.62 22.33 -15.73
H4 NAG C . 1.84 19.56 -15.75
H5 NAG C . -0.87 20.38 -16.79
H61 NAG C . 0.11 18.49 -18.00
H62 NAG C . -1.30 18.02 -17.06
H81 NAG C . 1.16 24.05 -10.41
H82 NAG C . 1.22 24.86 -11.94
H83 NAG C . -0.28 24.22 -11.36
HN2 NAG C . -0.39 23.11 -13.41
C1 NAG C . 2.72 20.37 -17.95
C2 NAG C . 2.71 20.45 -19.49
C3 NAG C . 4.11 20.22 -20.07
C4 NAG C . 5.16 21.12 -19.37
C5 NAG C . 5.00 20.98 -17.85
C6 NAG C . 5.90 21.86 -17.02
C7 NAG C . 0.55 19.78 -20.43
C8 NAG C . -0.29 18.70 -21.03
N2 NAG C . 1.77 19.46 -20.08
O3 NAG C . 4.08 20.50 -21.47
O4 NAG C . 6.40 20.59 -19.79
O5 NAG C . 3.67 21.31 -17.43
O6 NAG C . 5.74 23.22 -17.40
O7 NAG C . 0.08 20.91 -20.30
H1 NAG C . 3.00 19.35 -17.66
H2 NAG C . 2.42 21.47 -19.77
H3 NAG C . 4.39 19.17 -19.91
H4 NAG C . 4.98 22.16 -19.68
H5 NAG C . 5.23 19.94 -17.59
H61 NAG C . 6.95 21.56 -17.15
H62 NAG C . 5.65 21.74 -15.96
H81 NAG C . -1.22 18.67 -20.51
H82 NAG C . -0.47 18.93 -22.04
H83 NAG C . 0.18 17.76 -20.95
HN2 NAG C . 2.11 18.53 -20.21
C1 BMA C . 7.37 21.59 -20.09
C2 BMA C . 8.81 21.30 -19.68
C3 BMA C . 9.80 22.21 -20.39
C4 BMA C . 9.46 22.36 -21.86
C5 BMA C . 7.99 22.71 -21.99
C6 BMA C . 7.56 23.06 -23.39
O2 BMA C . 9.07 19.93 -19.96
O3 BMA C . 11.13 21.70 -20.24
O4 BMA C . 10.23 23.47 -22.34
O5 BMA C . 7.20 21.62 -21.49
O6 BMA C . 6.63 24.13 -23.28
CU CU D . -6.62 -4.48 -2.20
CU CU D . -5.84 -4.31 -1.97
CU CU E . -2.08 -2.68 -0.37
CU CU E . -2.87 -2.78 -0.73
CU CU F . -2.68 -4.26 -4.00
CU CU F . -2.68 -4.26 -4.00
CU CU G . -11.42 6.39 0.98
F F H . -1.31 -4.91 -5.94
F F H . -1.61 -4.59 -5.42
O1 OXY I . 4.16 -10.67 -9.38
O2 OXY I . 3.69 -11.36 -8.63
O1 OXY J . -5.50 -3.55 -0.27
O2 OXY J . -4.56 -3.55 -1.03
#